data_7ARO
#
_entry.id   7ARO
#
_cell.length_a   39.541
_cell.length_b   181.027
_cell.length_c   140.853
_cell.angle_alpha   90
_cell.angle_beta   90
_cell.angle_gamma   90
#
_symmetry.space_group_name_H-M   'C 2 2 21'
#
loop_
_entity.id
_entity.type
_entity.pdbx_description
1 polymer 'Adenosine receptor A2a,Soluble cytochrome b562,Adenosine receptor A2a'
2 non-polymer 2-azanyl-6-(1~{H}-imidazol-2-ylmethylsulfanyl)-4-phenyl-pyridine-3,5-dicarbonitrile
3 non-polymer 'OLEIC ACID'
4 non-polymer CHOLESTEROL
5 non-polymer 'SODIUM ION'
6 water water
#
_entity_poly.entity_id   1
_entity_poly.type   'polypeptide(L)'
_entity_poly.pdbx_seq_one_letter_code
;DYKDDDDGAPPIMGSSVYITVELAIAVLAILGNVLVCWAVWLNSNLQNVTNYFVVSLAAADILVGVLAIPFAITISTGFC
AACHGCLFIACFVLVLAQSSIFSLLAIAIDRYIAIAIPLRYNGLVTGTRAAGIIAICWVLSFAIGLTPMLGWNNCGQPKE
GKAHSQGCGEGQVACLFEDVVPMNYMVYFNFFACVLVPLLLMLGVYLRIFAAARRQLADLEDNWETLNDNLKVIEKADNA
AQVKDALTKMRAAALDAQKATPPKLEDKSPDSPEMKDFRHGFDILVGQIDDALKLANEGKVKEAQAAAEQLKTTRNAYIQ
KYLERARSTLQKEVHAAKSAAIIAGLFALCWLPLHIINCFTFFCPDCSHAPLWLMYLAIVLAHTNSVVNPFIYAYRIREF
RQTFRKIIRSHVLRQQEPFKAAAHHHHHHHHHH
;
_entity_poly.pdbx_strand_id   A
#
loop_
_chem_comp.id
_chem_comp.type
_chem_comp.name
_chem_comp.formula
CLR non-polymer CHOLESTEROL 'C27 H46 O'
NA non-polymer 'SODIUM ION' 'Na 1'
OLA non-polymer 'OLEIC ACID' 'C18 H34 O2'
RVZ non-polymer 2-azanyl-6-(1~{H}-imidazol-2-ylmethylsulfanyl)-4-phenyl-pyridine-3,5-dicarbonitrile 'C17 H12 N6 S'
#
# COMPACT_ATOMS: atom_id res chain seq x y z
N GLY A 8 -28.76 10.14 33.19
CA GLY A 8 -28.58 11.02 32.04
C GLY A 8 -27.75 12.26 32.33
N ALA A 9 -26.43 12.09 32.48
CA ALA A 9 -25.50 13.19 32.76
C ALA A 9 -25.53 14.24 31.65
N PRO A 10 -25.28 15.54 31.99
CA PRO A 10 -25.27 16.60 30.96
C PRO A 10 -24.49 16.21 29.69
N PRO A 11 -25.10 16.41 28.52
CA PRO A 11 -24.46 15.96 27.28
C PRO A 11 -23.08 16.53 27.02
N ILE A 12 -22.80 17.74 27.53
CA ILE A 12 -21.50 18.36 27.33
C ILE A 12 -20.34 17.62 28.04
N MET A 13 -20.65 16.76 29.02
CA MET A 13 -19.62 16.01 29.74
C MET A 13 -19.03 14.86 28.91
N GLY A 14 -19.88 13.92 28.46
CA GLY A 14 -19.43 12.81 27.64
C GLY A 14 -18.86 13.28 26.32
N SER A 15 -19.50 14.32 25.74
CA SER A 15 -18.99 14.88 24.51
C SER A 15 -17.67 15.63 24.74
N SER A 16 -17.38 16.13 25.97
CA SER A 16 -16.05 16.75 26.27
C SER A 16 -14.93 15.72 26.15
N VAL A 17 -15.21 14.46 26.50
CA VAL A 17 -14.23 13.39 26.34
C VAL A 17 -14.05 13.14 24.84
N TYR A 18 -15.15 13.00 24.11
CA TYR A 18 -15.10 12.78 22.66
C TYR A 18 -14.34 13.91 21.94
N ILE A 19 -14.68 15.16 22.23
CA ILE A 19 -14.05 16.32 21.60
C ILE A 19 -12.57 16.39 21.92
N THR A 20 -12.19 16.17 23.19
CA THR A 20 -10.77 16.21 23.56
C THR A 20 -9.97 15.10 22.85
N VAL A 21 -10.55 13.91 22.75
CA VAL A 21 -9.91 12.80 22.05
C VAL A 21 -9.77 13.12 20.56
N GLU A 22 -10.83 13.68 19.96
CA GLU A 22 -10.79 14.06 18.55
C GLU A 22 -9.73 15.11 18.29
N LEU A 23 -9.63 16.12 19.15
CA LEU A 23 -8.63 17.16 19.00
C LEU A 23 -7.21 16.64 19.21
N ALA A 24 -7.02 15.67 20.10
CA ALA A 24 -5.70 15.06 20.31
C ALA A 24 -5.25 14.34 19.03
N ILE A 25 -6.18 13.61 18.40
CA ILE A 25 -5.95 12.90 17.15
C ILE A 25 -5.62 13.91 16.05
N ALA A 26 -6.37 15.03 15.97
CA ALA A 26 -6.11 16.04 14.94
C ALA A 26 -4.70 16.64 15.08
N VAL A 27 -4.22 16.85 16.32
CA VAL A 27 -2.88 17.40 16.52
C VAL A 27 -1.83 16.46 15.95
N LEU A 28 -1.97 15.17 16.26
CA LEU A 28 -1.05 14.14 15.81
C LEU A 28 -1.13 13.88 14.31
N ALA A 29 -2.34 13.92 13.74
CA ALA A 29 -2.52 13.69 12.30
C ALA A 29 -1.84 14.81 11.51
N ILE A 30 -1.98 16.06 11.97
CA ILE A 30 -1.33 17.19 11.32
C ILE A 30 0.19 17.12 11.45
N LEU A 31 0.70 17.00 12.70
CA LEU A 31 2.13 16.97 12.96
C LEU A 31 2.90 15.89 12.19
N GLY A 32 2.47 14.64 12.35
CA GLY A 32 3.14 13.51 11.72
C GLY A 32 3.16 13.59 10.21
N ASN A 33 2.01 13.94 9.61
CA ASN A 33 1.91 13.96 8.16
C ASN A 33 2.53 15.20 7.56
N VAL A 34 2.62 16.33 8.31
CA VAL A 34 3.38 17.48 7.82
C VAL A 34 4.87 17.07 7.71
N LEU A 35 5.35 16.28 8.70
CA LEU A 35 6.70 15.74 8.74
C LEU A 35 6.98 14.80 7.56
N VAL A 36 5.98 14.01 7.15
CA VAL A 36 6.11 13.13 5.98
C VAL A 36 6.32 13.98 4.72
N CYS A 37 5.46 14.99 4.51
CA CYS A 37 5.54 15.86 3.34
C CYS A 37 6.85 16.59 3.30
N TRP A 38 7.29 17.11 4.46
CA TRP A 38 8.54 17.86 4.64
C TRP A 38 9.74 17.02 4.23
N ALA A 39 9.77 15.75 4.66
CA ALA A 39 10.85 14.82 4.36
C ALA A 39 10.97 14.58 2.86
N VAL A 40 9.85 14.36 2.18
CA VAL A 40 9.85 14.13 0.74
C VAL A 40 10.31 15.39 0.01
N TRP A 41 9.85 16.56 0.46
CA TRP A 41 10.25 17.82 -0.17
C TRP A 41 11.76 18.07 -0.02
N LEU A 42 12.33 17.76 1.14
CA LEU A 42 13.75 18.03 1.39
C LEU A 42 14.74 17.01 0.84
N ASN A 43 14.41 15.72 0.95
CA ASN A 43 15.32 14.66 0.54
C ASN A 43 15.04 14.18 -0.86
N SER A 44 15.99 14.40 -1.78
CA SER A 44 15.80 13.95 -3.15
C SER A 44 15.88 12.41 -3.30
N ASN A 45 16.42 11.70 -2.28
CA ASN A 45 16.41 10.23 -2.25
C ASN A 45 14.99 9.68 -2.01
N LEU A 46 14.10 10.49 -1.42
CA LEU A 46 12.71 10.16 -1.17
C LEU A 46 11.78 10.66 -2.28
N GLN A 47 12.30 11.33 -3.31
CA GLN A 47 11.47 11.83 -4.40
C GLN A 47 11.42 10.83 -5.54
N ASN A 48 10.46 9.94 -5.45
CA ASN A 48 10.19 8.92 -6.45
C ASN A 48 8.68 8.74 -6.56
N VAL A 49 8.18 8.06 -7.61
CA VAL A 49 6.75 7.88 -7.82
C VAL A 49 6.02 7.30 -6.62
N THR A 50 6.57 6.25 -6.01
CA THR A 50 5.94 5.61 -4.84
C THR A 50 5.66 6.63 -3.72
N ASN A 51 6.61 7.52 -3.49
CA ASN A 51 6.47 8.53 -2.45
C ASN A 51 5.61 9.72 -2.85
N TYR A 52 5.29 9.89 -4.14
CA TYR A 52 4.33 10.93 -4.52
C TYR A 52 2.94 10.48 -4.09
N PHE A 53 2.64 9.18 -4.18
CA PHE A 53 1.39 8.64 -3.66
C PHE A 53 1.41 8.70 -2.13
N VAL A 54 2.57 8.48 -1.48
CA VAL A 54 2.73 8.62 -0.04
C VAL A 54 2.40 10.05 0.39
N VAL A 55 2.79 11.07 -0.41
CA VAL A 55 2.47 12.46 -0.13
C VAL A 55 0.97 12.73 -0.31
N SER A 56 0.34 12.11 -1.33
CA SER A 56 -1.11 12.25 -1.53
C SER A 56 -1.89 11.65 -0.35
N LEU A 57 -1.41 10.55 0.17
CA LEU A 57 -2.00 9.88 1.33
C LEU A 57 -1.79 10.74 2.59
N ALA A 58 -0.60 11.36 2.74
CA ALA A 58 -0.35 12.23 3.88
C ALA A 58 -1.16 13.52 3.80
N ALA A 59 -1.41 14.03 2.58
CA ALA A 59 -2.21 15.24 2.40
C ALA A 59 -3.66 14.97 2.83
N ALA A 60 -4.18 13.76 2.52
CA ALA A 60 -5.52 13.35 2.94
C ALA A 60 -5.59 13.28 4.46
N ASP A 61 -4.52 12.77 5.11
CA ASP A 61 -4.50 12.68 6.56
C ASP A 61 -4.38 14.04 7.24
N ILE A 62 -3.66 14.98 6.61
CA ILE A 62 -3.57 16.35 7.11
C ILE A 62 -4.96 16.99 7.07
N LEU A 63 -5.74 16.76 5.99
CA LEU A 63 -7.10 17.28 5.88
C LEU A 63 -8.08 16.60 6.84
N VAL A 64 -7.74 15.40 7.35
CA VAL A 64 -8.56 14.75 8.37
C VAL A 64 -8.42 15.57 9.66
N GLY A 65 -7.21 15.98 10.00
CA GLY A 65 -6.98 16.79 11.18
C GLY A 65 -7.50 18.20 11.04
N VAL A 66 -7.24 18.83 9.88
CA VAL A 66 -7.65 20.21 9.65
C VAL A 66 -9.16 20.36 9.44
N LEU A 67 -9.78 19.49 8.65
CA LEU A 67 -11.19 19.62 8.30
C LEU A 67 -12.14 18.51 8.81
N ALA A 68 -11.84 17.23 8.52
CA ALA A 68 -12.75 16.14 8.90
C ALA A 68 -13.05 16.05 10.40
N ILE A 69 -12.04 16.16 11.26
CA ILE A 69 -12.24 16.09 12.71
C ILE A 69 -13.06 17.29 13.21
N PRO A 70 -12.72 18.57 12.90
CA PRO A 70 -13.65 19.67 13.24
C PRO A 70 -15.07 19.46 12.69
N PHE A 71 -15.23 18.88 11.47
CA PHE A 71 -16.56 18.61 10.94
C PHE A 71 -17.29 17.56 11.76
N ALA A 72 -16.58 16.47 12.18
CA ALA A 72 -17.13 15.36 12.99
C ALA A 72 -17.64 15.85 14.34
N ILE A 73 -16.89 16.76 14.95
CA ILE A 73 -17.27 17.36 16.22
C ILE A 73 -18.53 18.20 16.01
N THR A 74 -18.56 18.97 14.92
CA THR A 74 -19.70 19.83 14.60
C THR A 74 -21.00 19.08 14.36
N ILE A 75 -21.02 18.11 13.45
CA ILE A 75 -22.24 17.36 13.13
C ILE A 75 -22.73 16.49 14.31
N SER A 76 -21.84 16.18 15.30
CA SER A 76 -22.23 15.41 16.49
C SER A 76 -23.16 16.22 17.42
N THR A 77 -23.19 17.56 17.28
CA THR A 77 -24.09 18.43 18.05
C THR A 77 -25.53 18.41 17.47
N GLY A 78 -25.65 18.15 16.16
CA GLY A 78 -26.95 18.16 15.51
C GLY A 78 -27.46 19.55 15.23
N PHE A 79 -26.54 20.52 15.09
CA PHE A 79 -26.82 21.92 14.83
C PHE A 79 -27.75 22.15 13.63
N CYS A 80 -28.53 23.24 13.65
CA CYS A 80 -29.44 23.56 12.55
C CYS A 80 -28.66 23.94 11.31
N ALA A 81 -29.02 23.37 10.16
CA ALA A 81 -28.31 23.66 8.94
C ALA A 81 -29.18 23.40 7.71
N ALA A 82 -28.87 24.06 6.60
CA ALA A 82 -29.55 23.76 5.32
C ALA A 82 -29.12 22.34 4.94
N CYS A 83 -30.06 21.47 4.54
CA CYS A 83 -29.72 20.07 4.30
C CYS A 83 -28.48 19.82 3.44
N HIS A 84 -28.28 20.57 2.34
CA HIS A 84 -27.11 20.34 1.49
C HIS A 84 -25.80 20.77 2.12
N GLY A 85 -25.82 21.82 2.93
CA GLY A 85 -24.64 22.26 3.64
C GLY A 85 -24.24 21.22 4.68
N CYS A 86 -25.26 20.65 5.34
CA CYS A 86 -25.15 19.59 6.32
C CYS A 86 -24.47 18.37 5.67
N LEU A 87 -24.95 18.01 4.47
CA LEU A 87 -24.49 16.91 3.64
C LEU A 87 -23.03 17.07 3.20
N PHE A 88 -22.51 18.31 3.17
CA PHE A 88 -21.12 18.52 2.83
C PHE A 88 -20.29 18.18 4.04
N ILE A 89 -20.60 18.76 5.23
CA ILE A 89 -19.79 18.46 6.43
C ILE A 89 -19.99 17.02 6.95
N ALA A 90 -21.01 16.29 6.44
CA ALA A 90 -21.23 14.91 6.78
C ALA A 90 -20.36 14.01 5.90
N CYS A 91 -20.26 14.34 4.59
CA CYS A 91 -19.61 13.52 3.59
C CYS A 91 -18.15 13.84 3.30
N PHE A 92 -17.62 14.98 3.75
CA PHE A 92 -16.24 15.33 3.41
C PHE A 92 -15.22 14.25 3.78
N VAL A 93 -15.42 13.58 4.94
CA VAL A 93 -14.52 12.51 5.39
C VAL A 93 -14.51 11.33 4.41
N LEU A 94 -15.63 11.09 3.72
CA LEU A 94 -15.71 10.03 2.73
C LEU A 94 -14.81 10.34 1.54
N VAL A 95 -14.62 11.64 1.19
CA VAL A 95 -13.72 12.04 0.11
C VAL A 95 -12.30 11.70 0.48
N LEU A 96 -11.91 12.00 1.72
CA LEU A 96 -10.57 11.73 2.19
C LEU A 96 -10.32 10.23 2.29
N ALA A 97 -11.31 9.46 2.75
CA ALA A 97 -11.15 8.02 2.84
C ALA A 97 -11.00 7.41 1.46
N GLN A 98 -11.75 7.93 0.48
CA GLN A 98 -11.67 7.43 -0.89
C GLN A 98 -10.37 7.78 -1.52
N SER A 99 -9.86 8.99 -1.28
CA SER A 99 -8.56 9.39 -1.79
C SER A 99 -7.45 8.50 -1.22
N SER A 100 -7.57 8.14 0.06
CA SER A 100 -6.64 7.25 0.73
C SER A 100 -6.65 5.87 0.05
N ILE A 101 -7.84 5.34 -0.26
CA ILE A 101 -7.99 4.04 -0.91
C ILE A 101 -7.31 4.04 -2.26
N PHE A 102 -7.49 5.12 -3.03
CA PHE A 102 -6.86 5.22 -4.33
C PHE A 102 -5.32 5.30 -4.20
N SER A 103 -4.80 6.03 -3.19
CA SER A 103 -3.36 6.12 -2.99
C SER A 103 -2.80 4.77 -2.57
N LEU A 104 -3.47 4.06 -1.67
CA LEU A 104 -3.04 2.75 -1.21
C LEU A 104 -3.03 1.75 -2.37
N LEU A 105 -4.05 1.79 -3.22
CA LEU A 105 -4.15 0.92 -4.37
C LEU A 105 -3.03 1.23 -5.39
N ALA A 106 -2.73 2.52 -5.59
CA ALA A 106 -1.67 2.93 -6.50
C ALA A 106 -0.31 2.49 -5.99
N ILE A 107 -0.09 2.58 -4.68
CA ILE A 107 1.17 2.14 -4.10
C ILE A 107 1.38 0.65 -4.31
N ALA A 108 0.29 -0.15 -4.14
CA ALA A 108 0.36 -1.59 -4.35
C ALA A 108 0.69 -1.90 -5.81
N ILE A 109 0.04 -1.20 -6.74
CA ILE A 109 0.28 -1.44 -8.17
C ILE A 109 1.69 -1.01 -8.58
N ASP A 110 2.19 0.07 -7.98
CA ASP A 110 3.53 0.55 -8.26
C ASP A 110 4.55 -0.50 -7.83
N ARG A 111 4.36 -1.09 -6.64
CA ARG A 111 5.26 -2.11 -6.14
C ARG A 111 5.20 -3.40 -6.95
N TYR A 112 4.01 -3.74 -7.49
CA TYR A 112 3.87 -4.92 -8.34
C TYR A 112 4.63 -4.71 -9.65
N ILE A 113 4.54 -3.52 -10.27
CA ILE A 113 5.26 -3.25 -11.51
C ILE A 113 6.76 -3.34 -11.26
N ALA A 114 7.23 -2.80 -10.14
CA ALA A 114 8.65 -2.82 -9.81
C ALA A 114 9.22 -4.23 -9.63
N ILE A 115 8.43 -5.14 -9.05
CA ILE A 115 8.93 -6.50 -8.84
C ILE A 115 8.70 -7.42 -10.04
N ALA A 116 7.61 -7.22 -10.78
CA ALA A 116 7.27 -8.11 -11.90
C ALA A 116 7.97 -7.76 -13.20
N ILE A 117 8.09 -6.47 -13.49
CA ILE A 117 8.77 -6.02 -14.70
C ILE A 117 9.75 -4.89 -14.39
N PRO A 118 10.82 -5.15 -13.62
CA PRO A 118 11.76 -4.08 -13.28
C PRO A 118 12.49 -3.45 -14.47
N LEU A 119 12.55 -4.17 -15.60
CA LEU A 119 13.22 -3.65 -16.79
C LEU A 119 12.46 -2.49 -17.43
N ARG A 120 11.14 -2.53 -17.36
CA ARG A 120 10.32 -1.47 -17.95
C ARG A 120 9.69 -0.54 -16.92
N TYR A 121 10.05 -0.67 -15.62
CA TYR A 121 9.47 0.18 -14.58
C TYR A 121 9.76 1.66 -14.85
N ASN A 122 11.02 2.04 -15.06
CA ASN A 122 11.40 3.43 -15.28
C ASN A 122 10.66 4.10 -16.47
N GLY A 123 10.43 3.31 -17.53
CA GLY A 123 9.73 3.80 -18.71
C GLY A 123 8.22 3.80 -18.58
N LEU A 124 7.68 2.95 -17.70
CA LEU A 124 6.23 2.85 -17.51
C LEU A 124 5.79 3.85 -16.44
N VAL A 125 6.48 3.86 -15.29
CA VAL A 125 6.15 4.64 -14.11
C VAL A 125 6.95 5.95 -14.03
N THR A 126 6.33 7.05 -14.49
CA THR A 126 6.89 8.39 -14.62
C THR A 126 6.34 9.33 -13.53
N GLY A 127 7.17 10.27 -13.09
CA GLY A 127 6.77 11.22 -12.07
C GLY A 127 5.62 12.11 -12.49
N THR A 128 5.62 12.56 -13.75
CA THR A 128 4.55 13.42 -14.23
C THR A 128 3.26 12.61 -14.46
N ARG A 129 3.36 11.31 -14.81
CA ARG A 129 2.18 10.46 -14.95
C ARG A 129 1.59 10.19 -13.56
N ALA A 130 2.44 10.04 -12.52
CA ALA A 130 1.98 9.84 -11.15
C ALA A 130 1.16 11.05 -10.71
N ALA A 131 1.59 12.29 -11.03
CA ALA A 131 0.85 13.51 -10.69
C ALA A 131 -0.51 13.58 -11.39
N GLY A 132 -0.60 13.02 -12.60
CA GLY A 132 -1.83 12.97 -13.36
C GLY A 132 -2.79 11.95 -12.77
N ILE A 133 -2.26 10.79 -12.35
CA ILE A 133 -3.08 9.77 -11.71
C ILE A 133 -3.63 10.31 -10.39
N ILE A 134 -2.77 10.98 -9.59
CA ILE A 134 -3.20 11.57 -8.32
C ILE A 134 -4.33 12.58 -8.54
N ALA A 135 -4.19 13.43 -9.57
CA ALA A 135 -5.21 14.41 -9.91
C ALA A 135 -6.54 13.72 -10.26
N ILE A 136 -6.49 12.67 -11.09
CA ILE A 136 -7.69 11.92 -11.48
C ILE A 136 -8.32 11.28 -10.24
N CYS A 137 -7.49 10.68 -9.39
CA CYS A 137 -7.93 10.03 -8.18
C CYS A 137 -8.60 10.98 -7.21
N TRP A 138 -8.10 12.22 -7.10
CA TRP A 138 -8.73 13.19 -6.20
C TRP A 138 -10.06 13.68 -6.74
N VAL A 139 -10.17 13.86 -8.06
CA VAL A 139 -11.45 14.27 -8.65
C VAL A 139 -12.50 13.13 -8.51
N LEU A 140 -12.08 11.88 -8.76
CA LEU A 140 -12.94 10.72 -8.60
C LEU A 140 -13.40 10.58 -7.16
N SER A 141 -12.49 10.82 -6.19
CA SER A 141 -12.78 10.73 -4.76
C SER A 141 -13.83 11.73 -4.36
N PHE A 142 -13.79 12.95 -4.92
CA PHE A 142 -14.81 13.95 -4.63
C PHE A 142 -16.17 13.46 -5.14
N ALA A 143 -16.23 12.90 -6.35
CA ALA A 143 -17.46 12.39 -6.93
C ALA A 143 -18.02 11.24 -6.11
N ILE A 144 -17.17 10.33 -5.64
CA ILE A 144 -17.61 9.19 -4.84
C ILE A 144 -18.08 9.63 -3.45
N GLY A 145 -17.24 10.37 -2.74
CA GLY A 145 -17.52 10.81 -1.39
C GLY A 145 -18.69 11.76 -1.30
N LEU A 146 -18.86 12.62 -2.31
CA LEU A 146 -19.95 13.58 -2.31
C LEU A 146 -21.11 13.16 -3.19
N THR A 147 -21.22 11.85 -3.54
CA THR A 147 -22.39 11.36 -4.28
C THR A 147 -23.71 11.71 -3.56
N PRO A 148 -23.81 11.68 -2.21
CA PRO A 148 -25.07 12.07 -1.57
C PRO A 148 -25.52 13.48 -1.91
N MET A 149 -24.59 14.42 -2.09
CA MET A 149 -24.94 15.80 -2.46
C MET A 149 -25.50 15.90 -3.90
N LEU A 150 -25.22 14.90 -4.75
CA LEU A 150 -25.76 14.83 -6.10
C LEU A 150 -27.23 14.34 -6.13
N GLY A 151 -27.80 13.97 -4.97
CA GLY A 151 -29.19 13.54 -4.91
C GLY A 151 -29.50 12.32 -4.08
N TRP A 152 -28.51 11.46 -3.81
CA TRP A 152 -28.73 10.26 -3.01
C TRP A 152 -28.63 10.61 -1.56
N ASN A 153 -29.67 11.23 -1.04
CA ASN A 153 -29.71 11.71 0.33
C ASN A 153 -31.14 11.68 0.89
N ASN A 154 -31.29 11.93 2.19
CA ASN A 154 -32.62 11.95 2.82
C ASN A 154 -33.12 13.39 3.00
N CYS A 155 -32.68 14.33 2.16
CA CYS A 155 -33.13 15.72 2.26
C CYS A 155 -34.60 15.88 1.89
N GLY A 156 -35.13 15.01 1.04
CA GLY A 156 -36.53 15.04 0.67
C GLY A 156 -37.49 14.61 1.79
N GLN A 157 -36.99 13.86 2.77
CA GLN A 157 -37.80 13.39 3.90
C GLN A 157 -37.19 13.88 5.22
N PRO A 158 -37.16 15.21 5.47
CA PRO A 158 -36.54 15.70 6.70
C PRO A 158 -37.26 15.25 7.94
N LYS A 159 -36.52 15.08 9.04
CA LYS A 159 -37.14 14.75 10.32
C LYS A 159 -37.66 16.09 10.84
N GLU A 160 -38.92 16.42 10.52
CA GLU A 160 -39.51 17.70 10.87
C GLU A 160 -39.72 17.88 12.36
N GLY A 161 -39.97 16.79 13.07
CA GLY A 161 -40.13 16.86 14.52
C GLY A 161 -38.83 17.25 15.19
N LYS A 162 -37.71 16.72 14.69
CA LYS A 162 -36.38 17.05 15.19
C LYS A 162 -36.02 18.49 14.86
N ALA A 163 -36.37 18.96 13.64
CA ALA A 163 -36.11 20.34 13.22
C ALA A 163 -36.93 21.33 14.02
N HIS A 164 -38.19 21.03 14.30
CA HIS A 164 -39.04 21.91 15.10
C HIS A 164 -38.56 21.95 16.54
N SER A 165 -38.14 20.80 17.08
CA SER A 165 -37.64 20.72 18.46
C SER A 165 -36.44 21.63 18.68
N GLN A 166 -35.48 21.58 17.75
CA GLN A 166 -34.29 22.41 17.85
C GLN A 166 -34.46 23.86 17.41
N GLY A 167 -35.68 24.27 17.07
CA GLY A 167 -35.94 25.63 16.64
C GLY A 167 -35.25 25.98 15.35
N CYS A 168 -35.11 25.00 14.45
CA CYS A 168 -34.48 25.25 13.15
C CYS A 168 -35.37 26.14 12.31
N GLY A 169 -34.75 26.89 11.41
CA GLY A 169 -35.51 27.75 10.51
C GLY A 169 -36.13 26.98 9.36
N GLU A 170 -36.93 27.67 8.54
CA GLU A 170 -37.55 27.04 7.38
C GLU A 170 -36.45 26.75 6.37
N GLY A 171 -36.46 25.54 5.82
CA GLY A 171 -35.41 25.12 4.90
C GLY A 171 -34.20 24.52 5.61
N GLN A 172 -34.27 24.34 6.94
CA GLN A 172 -33.18 23.76 7.73
C GLN A 172 -33.60 22.45 8.40
N VAL A 173 -32.60 21.61 8.70
CA VAL A 173 -32.77 20.34 9.41
C VAL A 173 -31.75 20.28 10.55
N ALA A 174 -31.98 19.38 11.52
CA ALA A 174 -31.00 19.12 12.57
C ALA A 174 -29.92 18.30 11.86
N CYS A 175 -28.71 18.83 11.79
CA CYS A 175 -27.64 18.18 11.06
C CYS A 175 -27.06 17.00 11.80
N LEU A 176 -27.56 15.82 11.45
CA LEU A 176 -27.13 14.56 12.05
C LEU A 176 -26.74 13.66 10.91
N PHE A 177 -25.55 13.05 10.95
CA PHE A 177 -25.09 12.20 9.86
C PHE A 177 -26.11 11.16 9.41
N GLU A 178 -26.60 10.35 10.33
CA GLU A 178 -27.50 9.26 10.00
C GLU A 178 -28.86 9.75 9.48
N ASP A 179 -29.22 11.03 9.70
CA ASP A 179 -30.48 11.56 9.19
C ASP A 179 -30.38 12.05 7.75
N VAL A 180 -29.19 12.45 7.29
CA VAL A 180 -29.05 13.02 5.96
C VAL A 180 -28.35 12.06 4.99
N VAL A 181 -27.42 11.22 5.47
CA VAL A 181 -26.71 10.27 4.62
C VAL A 181 -27.42 8.90 4.63
N PRO A 182 -27.93 8.45 3.47
CA PRO A 182 -28.64 7.17 3.41
C PRO A 182 -27.78 5.98 3.82
N MET A 183 -28.38 5.03 4.54
CA MET A 183 -27.67 3.87 4.99
C MET A 183 -27.33 2.89 3.86
N ASN A 184 -28.17 2.83 2.79
CA ASN A 184 -27.92 2.00 1.58
C ASN A 184 -26.73 2.55 0.77
N TYR A 185 -26.52 3.89 0.81
CA TYR A 185 -25.35 4.51 0.21
C TYR A 185 -24.13 4.05 1.01
N MET A 186 -24.18 4.19 2.34
CA MET A 186 -23.07 3.83 3.18
C MET A 186 -22.65 2.36 3.12
N VAL A 187 -23.61 1.45 3.02
CA VAL A 187 -23.30 0.02 2.98
C VAL A 187 -22.96 -0.51 1.56
N TYR A 188 -23.86 -0.32 0.56
CA TYR A 188 -23.62 -0.86 -0.77
C TYR A 188 -22.61 -0.07 -1.60
N PHE A 189 -22.79 1.24 -1.66
CA PHE A 189 -21.93 2.08 -2.47
C PHE A 189 -20.62 2.35 -1.79
N ASN A 190 -20.63 3.03 -0.62
CA ASN A 190 -19.38 3.37 0.04
C ASN A 190 -18.61 2.17 0.53
N PHE A 191 -19.21 1.32 1.37
CA PHE A 191 -18.49 0.15 1.87
C PHE A 191 -18.21 -0.93 0.82
N PHE A 192 -19.24 -1.63 0.30
CA PHE A 192 -19.03 -2.75 -0.60
C PHE A 192 -18.28 -2.39 -1.88
N ALA A 193 -18.79 -1.42 -2.64
CA ALA A 193 -18.18 -1.06 -3.92
C ALA A 193 -16.89 -0.23 -3.83
N CYS A 194 -16.88 0.84 -3.04
CA CYS A 194 -15.75 1.77 -3.00
C CYS A 194 -14.69 1.52 -1.93
N VAL A 195 -14.95 0.62 -0.97
CA VAL A 195 -13.96 0.32 0.07
C VAL A 195 -13.55 -1.17 0.05
N LEU A 196 -14.52 -2.06 0.15
CA LEU A 196 -14.28 -3.49 0.18
C LEU A 196 -13.68 -4.01 -1.10
N VAL A 197 -14.26 -3.70 -2.27
CA VAL A 197 -13.67 -4.18 -3.54
C VAL A 197 -12.23 -3.69 -3.73
N PRO A 198 -11.91 -2.37 -3.59
CA PRO A 198 -10.50 -1.96 -3.70
C PRO A 198 -9.57 -2.60 -2.66
N LEU A 199 -10.03 -2.81 -1.41
CA LEU A 199 -9.17 -3.45 -0.41
C LEU A 199 -8.90 -4.91 -0.81
N LEU A 200 -9.92 -5.61 -1.35
CA LEU A 200 -9.75 -6.98 -1.82
C LEU A 200 -8.78 -7.02 -3.00
N LEU A 201 -8.88 -6.03 -3.93
CA LEU A 201 -7.97 -5.89 -5.07
C LEU A 201 -6.55 -5.68 -4.56
N MET A 202 -6.38 -4.83 -3.54
CA MET A 202 -5.08 -4.57 -2.92
C MET A 202 -4.50 -5.84 -2.37
N LEU A 203 -5.33 -6.65 -1.69
CA LEU A 203 -4.88 -7.92 -1.12
C LEU A 203 -4.35 -8.85 -2.22
N GLY A 204 -5.09 -8.92 -3.32
CA GLY A 204 -4.71 -9.71 -4.49
C GLY A 204 -3.39 -9.26 -5.08
N VAL A 205 -3.20 -7.94 -5.18
CA VAL A 205 -1.95 -7.39 -5.69
C VAL A 205 -0.80 -7.74 -4.76
N TYR A 206 -0.98 -7.57 -3.44
CA TYR A 206 0.08 -7.91 -2.49
C TYR A 206 0.44 -9.37 -2.54
N LEU A 207 -0.55 -10.26 -2.69
CA LEU A 207 -0.27 -11.69 -2.83
C LEU A 207 0.57 -11.97 -4.08
N ARG A 208 0.23 -11.32 -5.19
CA ARG A 208 0.97 -11.48 -6.43
C ARG A 208 2.41 -10.94 -6.32
N ILE A 209 2.61 -9.84 -5.57
CA ILE A 209 3.93 -9.28 -5.34
C ILE A 209 4.81 -10.30 -4.59
N PHE A 210 4.32 -10.82 -3.46
CA PHE A 210 5.09 -11.74 -2.65
C PHE A 210 5.31 -13.06 -3.34
N ALA A 211 4.34 -13.53 -4.13
CA ALA A 211 4.51 -14.77 -4.88
C ALA A 211 5.58 -14.58 -5.96
N ALA A 212 5.59 -13.40 -6.63
CA ALA A 212 6.58 -13.09 -7.66
C ALA A 212 7.97 -13.03 -7.02
N ALA A 213 8.10 -12.39 -5.85
CA ALA A 213 9.38 -12.32 -5.17
C ALA A 213 9.85 -13.71 -4.74
N ARG A 214 8.94 -14.53 -4.21
CA ARG A 214 9.27 -15.88 -3.75
C ARG A 214 9.77 -16.73 -4.89
N ARG A 215 9.12 -16.62 -6.07
CA ARG A 215 9.52 -17.38 -7.24
C ARG A 215 10.87 -16.94 -7.81
N GLN A 216 11.13 -15.63 -7.85
CA GLN A 216 12.39 -15.13 -8.38
C GLN A 216 13.58 -15.54 -7.52
N LEU A 217 13.40 -15.58 -6.19
CA LEU A 217 14.46 -16.00 -5.29
C LEU A 217 14.74 -17.50 -5.49
N ALA A 218 13.67 -18.30 -5.67
CA ALA A 218 13.80 -19.74 -5.92
C ALA A 218 14.52 -19.96 -7.25
N ASP A 219 14.22 -19.16 -8.28
CA ASP A 219 14.87 -19.26 -9.59
C ASP A 219 16.36 -18.92 -9.51
N LEU A 220 16.75 -17.97 -8.64
CA LEU A 220 18.16 -17.63 -8.46
C LEU A 220 18.89 -18.83 -7.85
N GLU A 221 18.31 -19.43 -6.81
CA GLU A 221 18.92 -20.57 -6.16
C GLU A 221 18.91 -21.81 -7.05
N ASP A 222 17.90 -21.96 -7.90
CA ASP A 222 17.81 -23.08 -8.83
C ASP A 222 18.94 -23.01 -9.84
N ASN A 223 19.22 -21.81 -10.37
CA ASN A 223 20.30 -21.65 -11.34
C ASN A 223 21.67 -21.84 -10.69
N TRP A 224 21.81 -21.42 -9.42
CA TRP A 224 23.04 -21.59 -8.66
C TRP A 224 23.28 -23.06 -8.37
N GLU A 225 22.23 -23.80 -8.01
CA GLU A 225 22.33 -25.22 -7.73
C GLU A 225 22.66 -25.96 -9.00
N THR A 226 22.01 -25.61 -10.12
CA THR A 226 22.25 -26.24 -11.42
C THR A 226 23.71 -26.09 -11.83
N LEU A 227 24.29 -24.92 -11.58
CA LEU A 227 25.70 -24.67 -11.88
C LEU A 227 26.61 -25.61 -11.06
N ASN A 228 26.43 -25.67 -9.74
CA ASN A 228 27.27 -26.48 -8.87
C ASN A 228 27.07 -27.99 -9.05
N ASP A 229 25.83 -28.42 -9.26
CA ASP A 229 25.53 -29.83 -9.45
C ASP A 229 26.14 -30.33 -10.74
N ASN A 230 26.03 -29.56 -11.82
CA ASN A 230 26.59 -29.97 -13.11
C ASN A 230 28.13 -29.98 -13.10
N LEU A 231 28.76 -29.16 -12.25
CA LEU A 231 30.21 -29.20 -12.09
C LEU A 231 30.60 -30.56 -11.47
N LYS A 232 29.83 -31.03 -10.48
CA LYS A 232 30.06 -32.33 -9.85
C LYS A 232 29.85 -33.47 -10.84
N VAL A 233 28.83 -33.36 -11.72
CA VAL A 233 28.54 -34.34 -12.77
C VAL A 233 29.74 -34.48 -13.73
N ILE A 234 30.37 -33.36 -14.09
CA ILE A 234 31.54 -33.36 -14.97
C ILE A 234 32.73 -34.05 -14.30
N GLU A 235 32.95 -33.78 -13.01
CA GLU A 235 34.05 -34.42 -12.27
C GLU A 235 33.92 -35.95 -12.22
N LYS A 236 32.70 -36.46 -12.02
CA LYS A 236 32.44 -37.89 -11.93
C LYS A 236 31.97 -38.50 -13.25
N ALA A 237 32.35 -37.91 -14.38
CA ALA A 237 32.01 -38.46 -15.69
C ALA A 237 33.18 -39.30 -16.21
N ASP A 238 32.89 -40.32 -17.02
CA ASP A 238 33.93 -41.19 -17.59
C ASP A 238 34.00 -41.06 -19.13
N ASN A 239 32.89 -40.63 -19.77
CA ASN A 239 32.82 -40.47 -21.22
CA ASN A 239 32.84 -40.46 -21.22
C ASN A 239 32.69 -39.00 -21.61
N ALA A 240 33.13 -38.65 -22.82
CA ALA A 240 33.04 -37.27 -23.31
C ALA A 240 31.59 -36.82 -23.52
N ALA A 241 30.68 -37.76 -23.81
CA ALA A 241 29.27 -37.45 -24.00
C ALA A 241 28.64 -36.97 -22.70
N GLN A 242 29.04 -37.56 -21.55
CA GLN A 242 28.50 -37.14 -20.25
C GLN A 242 28.99 -35.75 -19.88
N VAL A 243 30.25 -35.43 -20.18
CA VAL A 243 30.80 -34.10 -19.94
C VAL A 243 30.05 -33.09 -20.82
N LYS A 244 29.81 -33.44 -22.10
CA LYS A 244 29.09 -32.57 -23.03
C LYS A 244 27.68 -32.29 -22.53
N ASP A 245 26.96 -33.33 -22.09
CA ASP A 245 25.59 -33.19 -21.59
C ASP A 245 25.49 -32.18 -20.45
N ALA A 246 26.40 -32.25 -19.46
CA ALA A 246 26.39 -31.33 -18.34
C ALA A 246 26.78 -29.91 -18.73
N LEU A 247 27.73 -29.77 -19.67
CA LEU A 247 28.17 -28.44 -20.12
C LEU A 247 27.09 -27.72 -20.92
N THR A 248 26.32 -28.44 -21.75
CA THR A 248 25.23 -27.83 -22.53
C THR A 248 24.14 -27.28 -21.60
N LYS A 249 23.85 -28.00 -20.50
CA LYS A 249 22.89 -27.57 -19.50
C LYS A 249 23.43 -26.37 -18.70
N MET A 250 24.75 -26.34 -18.45
CA MET A 250 25.37 -25.22 -17.74
C MET A 250 25.37 -23.97 -18.60
N ARG A 251 25.58 -24.12 -19.91
CA ARG A 251 25.63 -22.98 -20.82
C ARG A 251 24.28 -22.29 -20.96
N ALA A 252 23.21 -23.08 -21.10
CA ALA A 252 21.86 -22.54 -21.18
C ALA A 252 21.48 -21.85 -19.85
N ALA A 253 21.96 -22.38 -18.71
CA ALA A 253 21.71 -21.80 -17.39
C ALA A 253 22.48 -20.48 -17.19
N ALA A 254 23.71 -20.39 -17.72
CA ALA A 254 24.50 -19.17 -17.59
C ALA A 254 23.81 -18.01 -18.32
N LEU A 255 23.31 -18.25 -19.52
CA LEU A 255 22.59 -17.23 -20.28
C LEU A 255 21.25 -16.90 -19.63
N ASP A 256 20.60 -17.89 -18.99
CA ASP A 256 19.35 -17.73 -18.26
C ASP A 256 19.56 -16.79 -17.07
N ALA A 257 20.71 -16.92 -16.37
CA ALA A 257 21.03 -16.04 -15.25
C ALA A 257 21.55 -14.66 -15.68
N GLN A 258 21.85 -14.48 -16.97
CA GLN A 258 22.34 -13.22 -17.51
C GLN A 258 21.19 -12.32 -17.93
N GLY A 281 32.26 -11.03 -16.02
CA GLY A 281 32.14 -12.24 -15.22
C GLY A 281 31.42 -13.35 -15.95
N PHE A 282 30.24 -13.04 -16.51
CA PHE A 282 29.47 -14.02 -17.27
C PHE A 282 30.15 -14.33 -18.61
N ASP A 283 30.87 -13.37 -19.20
CA ASP A 283 31.61 -13.59 -20.44
C ASP A 283 32.72 -14.61 -20.21
N ILE A 284 33.41 -14.52 -19.07
CA ILE A 284 34.46 -15.46 -18.72
C ILE A 284 33.82 -16.85 -18.52
N LEU A 285 32.71 -16.89 -17.78
CA LEU A 285 32.01 -18.12 -17.50
C LEU A 285 31.54 -18.85 -18.76
N VAL A 286 30.84 -18.16 -19.66
CA VAL A 286 30.35 -18.73 -20.89
C VAL A 286 31.51 -19.16 -21.78
N GLY A 287 32.55 -18.34 -21.85
CA GLY A 287 33.74 -18.67 -22.63
C GLY A 287 34.43 -19.92 -22.13
N GLN A 288 34.55 -20.06 -20.80
CA GLN A 288 35.17 -21.23 -20.21
C GLN A 288 34.34 -22.49 -20.41
N ILE A 289 33.01 -22.35 -20.51
CA ILE A 289 32.11 -23.45 -20.79
C ILE A 289 32.32 -23.87 -22.25
N ASP A 290 32.43 -22.91 -23.17
CA ASP A 290 32.70 -23.17 -24.59
C ASP A 290 34.05 -23.86 -24.79
N ASP A 291 35.07 -23.46 -24.02
CA ASP A 291 36.40 -24.06 -24.10
C ASP A 291 36.32 -25.55 -23.76
N ALA A 292 35.62 -25.89 -22.68
CA ALA A 292 35.46 -27.27 -22.23
C ALA A 292 34.59 -28.07 -23.18
N LEU A 293 33.55 -27.44 -23.74
CA LEU A 293 32.64 -28.08 -24.69
C LEU A 293 33.39 -28.48 -25.94
N LYS A 294 34.34 -27.64 -26.40
CA LYS A 294 35.14 -27.94 -27.58
C LYS A 294 36.02 -29.15 -27.33
N LEU A 295 36.62 -29.24 -26.13
CA LEU A 295 37.45 -30.38 -25.77
C LEU A 295 36.63 -31.64 -25.67
N ALA A 296 35.41 -31.54 -25.10
CA ALA A 296 34.49 -32.67 -25.01
C ALA A 296 34.14 -33.20 -26.41
N ASN A 297 33.83 -32.29 -27.36
CA ASN A 297 33.50 -32.65 -28.75
C ASN A 297 34.68 -33.29 -29.49
N GLU A 298 35.91 -33.03 -29.04
CA GLU A 298 37.11 -33.65 -29.60
C GLU A 298 37.44 -35.01 -28.92
N GLY A 299 36.60 -35.45 -27.97
CA GLY A 299 36.79 -36.70 -27.25
C GLY A 299 37.88 -36.66 -26.20
N LYS A 300 38.28 -35.44 -25.77
CA LYS A 300 39.33 -35.25 -24.77
C LYS A 300 38.67 -35.05 -23.41
N VAL A 301 38.28 -36.15 -22.78
CA VAL A 301 37.54 -36.15 -21.51
C VAL A 301 38.33 -35.52 -20.36
N LYS A 302 39.53 -36.04 -20.07
CA LYS A 302 40.37 -35.54 -18.98
C LYS A 302 40.69 -34.05 -19.14
N GLU A 303 40.99 -33.64 -20.36
CA GLU A 303 41.30 -32.26 -20.69
C GLU A 303 40.06 -31.38 -20.51
N ALA A 304 38.87 -31.90 -20.86
CA ALA A 304 37.61 -31.18 -20.70
C ALA A 304 37.28 -30.99 -19.22
N GLN A 305 37.52 -32.03 -18.40
CA GLN A 305 37.27 -31.95 -16.96
C GLN A 305 38.21 -30.92 -16.30
N ALA A 306 39.47 -30.85 -16.78
CA ALA A 306 40.44 -29.87 -16.26
C ALA A 306 40.00 -28.45 -16.65
N ALA A 307 39.51 -28.28 -17.89
CA ALA A 307 39.03 -26.98 -18.35
C ALA A 307 37.80 -26.54 -17.55
N ALA A 308 36.94 -27.49 -17.18
CA ALA A 308 35.74 -27.22 -16.40
C ALA A 308 36.07 -26.82 -14.96
N GLU A 309 37.20 -27.31 -14.42
CA GLU A 309 37.62 -26.94 -13.07
C GLU A 309 37.92 -25.43 -12.96
N GLN A 310 38.34 -24.81 -14.06
CA GLN A 310 38.59 -23.37 -14.08
C GLN A 310 37.33 -22.57 -13.77
N LEU A 311 36.15 -23.12 -14.10
CA LEU A 311 34.85 -22.50 -13.84
C LEU A 311 34.66 -22.14 -12.38
N LYS A 312 35.23 -22.94 -11.46
CA LYS A 312 35.12 -22.72 -10.01
C LYS A 312 35.72 -21.37 -9.59
N THR A 313 36.86 -21.00 -10.17
CA THR A 313 37.50 -19.72 -9.87
C THR A 313 36.61 -18.56 -10.29
N THR A 314 35.99 -18.67 -11.48
CA THR A 314 35.10 -17.64 -11.99
C THR A 314 33.82 -17.55 -11.16
N ARG A 315 33.30 -18.70 -10.75
CA ARG A 315 32.10 -18.78 -9.94
C ARG A 315 32.33 -18.09 -8.59
N ASN A 316 33.49 -18.32 -7.97
CA ASN A 316 33.81 -17.71 -6.69
C ASN A 316 34.09 -16.20 -6.80
N ALA A 317 34.89 -15.80 -7.81
CA ALA A 317 35.26 -14.40 -7.96
C ALA A 317 34.18 -13.52 -8.54
N TYR A 318 33.27 -14.08 -9.34
CA TYR A 318 32.25 -13.28 -10.02
C TYR A 318 30.80 -13.69 -9.75
N ILE A 319 30.43 -14.91 -10.14
CA ILE A 319 29.06 -15.38 -10.12
C ILE A 319 28.40 -15.32 -8.75
N GLN A 320 29.11 -15.70 -7.70
CA GLN A 320 28.56 -15.65 -6.34
C GLN A 320 28.26 -14.21 -5.92
N LYS A 321 29.07 -13.24 -6.37
CA LYS A 321 28.83 -11.83 -6.05
C LYS A 321 27.53 -11.35 -6.69
N TYR A 322 27.28 -11.76 -7.94
CA TYR A 322 26.05 -11.40 -8.63
C TYR A 322 24.86 -12.04 -7.92
N LEU A 323 24.98 -13.32 -7.56
CA LEU A 323 23.93 -14.05 -6.87
C LEU A 323 23.55 -13.36 -5.56
N GLU A 324 24.55 -12.98 -4.76
CA GLU A 324 24.31 -12.33 -3.48
C GLU A 324 23.72 -10.94 -3.62
N ARG A 325 24.14 -10.19 -4.65
CA ARG A 325 23.59 -8.85 -4.87
C ARG A 325 22.15 -8.93 -5.36
N ALA A 326 21.86 -9.88 -6.27
CA ALA A 326 20.51 -10.08 -6.79
C ALA A 326 19.58 -10.52 -5.67
N ARG A 327 20.04 -11.40 -4.78
CA ARG A 327 19.28 -11.87 -3.63
C ARG A 327 19.01 -10.71 -2.67
N SER A 328 20.02 -9.87 -2.44
CA SER A 328 19.88 -8.73 -1.54
C SER A 328 18.90 -7.69 -2.09
N THR A 329 18.86 -7.51 -3.42
CA THR A 329 17.93 -6.58 -4.03
C THR A 329 16.50 -7.06 -3.88
N LEU A 330 16.28 -8.37 -4.08
CA LEU A 330 14.95 -8.94 -3.91
C LEU A 330 14.47 -8.83 -2.47
N GLN A 331 15.35 -9.08 -1.50
CA GLN A 331 14.98 -8.96 -0.09
C GLN A 331 14.61 -7.53 0.28
N LYS A 332 15.30 -6.53 -0.29
CA LYS A 332 14.96 -5.13 -0.04
C LYS A 332 13.59 -4.79 -0.60
N GLU A 333 13.27 -5.33 -1.79
CA GLU A 333 11.98 -5.13 -2.43
C GLU A 333 10.87 -5.78 -1.60
N VAL A 334 11.11 -6.98 -1.07
CA VAL A 334 10.14 -7.65 -0.22
C VAL A 334 9.92 -6.85 1.06
N HIS A 335 11.00 -6.31 1.64
CA HIS A 335 10.87 -5.51 2.85
C HIS A 335 10.03 -4.25 2.61
N ALA A 336 10.25 -3.58 1.46
CA ALA A 336 9.49 -2.38 1.11
C ALA A 336 8.02 -2.72 0.84
N ALA A 337 7.76 -3.87 0.19
CA ALA A 337 6.39 -4.30 -0.08
C ALA A 337 5.65 -4.68 1.21
N LYS A 338 6.36 -5.26 2.18
CA LYS A 338 5.74 -5.58 3.47
C LYS A 338 5.38 -4.29 4.20
N SER A 339 6.25 -3.27 4.15
CA SER A 339 5.95 -1.99 4.78
C SER A 339 4.69 -1.36 4.18
N ALA A 340 4.57 -1.38 2.85
CA ALA A 340 3.40 -0.81 2.18
C ALA A 340 2.14 -1.61 2.51
N ALA A 341 2.27 -2.94 2.61
CA ALA A 341 1.12 -3.80 2.96
C ALA A 341 0.68 -3.56 4.40
N ILE A 342 1.61 -3.26 5.32
CA ILE A 342 1.26 -2.97 6.71
C ILE A 342 0.41 -1.69 6.76
N ILE A 343 0.77 -0.69 5.93
CA ILE A 343 0.05 0.56 5.83
C ILE A 343 -1.40 0.29 5.39
N ALA A 344 -1.59 -0.53 4.34
CA ALA A 344 -2.91 -0.92 3.84
C ALA A 344 -3.70 -1.74 4.86
N GLY A 345 -3.02 -2.65 5.55
CA GLY A 345 -3.62 -3.49 6.57
C GLY A 345 -4.14 -2.69 7.73
N LEU A 346 -3.40 -1.64 8.10
CA LEU A 346 -3.84 -0.75 9.18
C LEU A 346 -5.04 0.09 8.78
N PHE A 347 -5.17 0.45 7.48
CA PHE A 347 -6.34 1.17 6.98
C PHE A 347 -7.57 0.26 7.14
N ALA A 348 -7.43 -1.01 6.73
CA ALA A 348 -8.51 -1.97 6.83
C ALA A 348 -8.90 -2.21 8.29
N LEU A 349 -7.92 -2.42 9.17
CA LEU A 349 -8.20 -2.62 10.59
C LEU A 349 -8.93 -1.39 11.21
N CYS A 350 -8.53 -0.16 10.86
CA CYS A 350 -9.13 1.05 11.45
C CYS A 350 -10.49 1.40 10.91
N TRP A 351 -10.73 1.15 9.63
CA TRP A 351 -12.01 1.49 9.04
C TRP A 351 -13.05 0.42 9.08
N LEU A 352 -12.65 -0.87 9.08
CA LEU A 352 -13.62 -1.96 9.09
C LEU A 352 -14.64 -1.92 10.24
N PRO A 353 -14.28 -1.63 11.52
CA PRO A 353 -15.30 -1.63 12.58
C PRO A 353 -16.47 -0.70 12.30
N LEU A 354 -16.19 0.49 11.80
CA LEU A 354 -17.22 1.48 11.49
C LEU A 354 -18.13 0.95 10.38
N HIS A 355 -17.54 0.34 9.36
CA HIS A 355 -18.30 -0.21 8.25
C HIS A 355 -19.14 -1.38 8.69
N ILE A 356 -18.56 -2.26 9.51
CA ILE A 356 -19.26 -3.44 10.01
C ILE A 356 -20.45 -3.02 10.88
N ILE A 357 -20.29 -1.99 11.74
CA ILE A 357 -21.39 -1.48 12.55
C ILE A 357 -22.52 -0.99 11.65
N ASN A 358 -22.18 -0.25 10.58
CA ASN A 358 -23.19 0.19 9.63
C ASN A 358 -23.91 -0.99 8.99
N CYS A 359 -23.21 -2.08 8.73
CA CYS A 359 -23.81 -3.28 8.15
C CYS A 359 -24.83 -3.86 9.09
N PHE A 360 -24.55 -3.90 10.40
CA PHE A 360 -25.51 -4.42 11.38
C PHE A 360 -26.74 -3.52 11.48
N THR A 361 -26.53 -2.19 11.49
CA THR A 361 -27.63 -1.24 11.53
C THR A 361 -28.52 -1.40 10.29
N PHE A 362 -27.91 -1.60 9.13
CA PHE A 362 -28.63 -1.70 7.87
C PHE A 362 -29.30 -3.04 7.61
N PHE A 363 -28.54 -4.11 7.70
CA PHE A 363 -29.03 -5.44 7.39
C PHE A 363 -29.92 -6.03 8.47
N CYS A 364 -29.79 -5.58 9.72
CA CYS A 364 -30.63 -6.08 10.80
C CYS A 364 -31.36 -4.93 11.47
N PRO A 365 -32.46 -4.47 10.88
CA PRO A 365 -33.17 -3.31 11.43
C PRO A 365 -33.78 -3.51 12.80
N ASP A 366 -34.02 -4.77 13.17
CA ASP A 366 -34.55 -5.04 14.49
C ASP A 366 -33.47 -5.48 15.49
N CYS A 367 -32.19 -5.40 15.10
CA CYS A 367 -31.11 -5.73 16.01
C CYS A 367 -30.88 -4.60 16.96
N SER A 368 -31.14 -4.88 18.25
CA SER A 368 -30.87 -3.99 19.36
C SER A 368 -29.35 -4.05 19.47
N HIS A 369 -28.68 -3.06 18.89
CA HIS A 369 -27.23 -3.07 18.81
C HIS A 369 -26.68 -1.63 18.62
N ALA A 370 -25.35 -1.52 18.53
CA ALA A 370 -24.59 -0.29 18.34
C ALA A 370 -24.92 0.84 19.32
N PRO A 371 -24.47 0.71 20.58
CA PRO A 371 -24.63 1.83 21.53
C PRO A 371 -23.81 3.06 21.10
N LEU A 372 -24.24 4.27 21.50
CA LEU A 372 -23.57 5.50 21.05
C LEU A 372 -22.10 5.60 21.44
N TRP A 373 -21.71 5.02 22.58
CA TRP A 373 -20.31 5.04 22.99
C TRP A 373 -19.47 4.19 22.00
N LEU A 374 -20.03 3.07 21.50
CA LEU A 374 -19.35 2.20 20.55
C LEU A 374 -19.26 2.87 19.17
N MET A 375 -20.30 3.64 18.79
CA MET A 375 -20.25 4.39 17.55
C MET A 375 -19.14 5.44 17.61
N TYR A 376 -18.99 6.16 18.76
CA TYR A 376 -17.92 7.15 18.91
C TYR A 376 -16.55 6.48 18.94
N LEU A 377 -16.44 5.28 19.52
CA LEU A 377 -15.19 4.53 19.58
C LEU A 377 -14.76 4.10 18.18
N ALA A 378 -15.73 3.67 17.37
CA ALA A 378 -15.46 3.28 15.98
C ALA A 378 -15.01 4.47 15.12
N ILE A 379 -15.60 5.68 15.34
CA ILE A 379 -15.27 6.93 14.63
C ILE A 379 -13.85 7.34 15.04
N VAL A 380 -13.55 7.31 16.35
CA VAL A 380 -12.25 7.66 16.90
C VAL A 380 -11.17 6.71 16.33
N LEU A 381 -11.51 5.42 16.20
CA LEU A 381 -10.57 4.45 15.64
C LEU A 381 -10.27 4.73 14.18
N ALA A 382 -11.30 5.11 13.39
CA ALA A 382 -11.11 5.43 11.97
C ALA A 382 -10.24 6.67 11.82
N HIS A 383 -10.45 7.69 12.66
CA HIS A 383 -9.64 8.91 12.63
C HIS A 383 -8.19 8.61 13.00
N THR A 384 -7.97 7.66 13.94
CA THR A 384 -6.64 7.20 14.41
C THR A 384 -5.75 6.77 13.26
N ASN A 385 -6.35 6.22 12.19
CA ASN A 385 -5.59 5.80 11.02
C ASN A 385 -4.76 6.96 10.43
N SER A 386 -5.22 8.21 10.61
CA SER A 386 -4.47 9.36 10.11
C SER A 386 -3.22 9.67 10.91
N VAL A 387 -3.02 9.03 12.06
CA VAL A 387 -1.87 9.25 12.93
C VAL A 387 -0.76 8.22 12.70
N VAL A 388 -1.15 6.98 12.35
CA VAL A 388 -0.26 5.84 12.33
C VAL A 388 0.75 5.78 11.19
N ASN A 389 0.45 6.24 9.97
CA ASN A 389 1.39 6.12 8.84
C ASN A 389 2.80 6.74 9.08
N PRO A 390 2.94 7.98 9.60
CA PRO A 390 4.29 8.51 9.87
C PRO A 390 5.13 7.64 10.80
N PHE A 391 4.48 6.90 11.70
CA PHE A 391 5.19 6.01 12.60
C PHE A 391 5.67 4.79 11.86
N ILE A 392 4.86 4.25 10.95
CA ILE A 392 5.27 3.10 10.16
C ILE A 392 6.47 3.42 9.28
N TYR A 393 6.48 4.60 8.66
CA TYR A 393 7.62 5.02 7.83
C TYR A 393 8.86 5.18 8.69
N ALA A 394 8.73 5.81 9.86
CA ALA A 394 9.87 6.01 10.75
C ALA A 394 10.44 4.71 11.29
N TYR A 395 9.57 3.75 11.65
CA TYR A 395 10.03 2.48 12.19
C TYR A 395 10.50 1.51 11.12
N ARG A 396 10.06 1.66 9.87
CA ARG A 396 10.41 0.68 8.83
C ARG A 396 11.27 1.17 7.67
N ILE A 397 11.35 2.48 7.44
CA ILE A 397 12.08 3.02 6.29
C ILE A 397 13.21 3.95 6.72
N ARG A 398 14.47 3.48 6.60
CA ARG A 398 15.68 4.22 6.96
C ARG A 398 15.73 5.65 6.43
N GLU A 399 15.52 5.84 5.13
CA GLU A 399 15.60 7.18 4.56
C GLU A 399 14.59 8.13 5.18
N PHE A 400 13.40 7.63 5.55
CA PHE A 400 12.41 8.48 6.20
C PHE A 400 12.86 8.77 7.62
N ARG A 401 13.23 7.72 8.37
CA ARG A 401 13.66 7.83 9.74
C ARG A 401 14.80 8.83 9.92
N GLN A 402 15.79 8.77 9.02
CA GLN A 402 16.94 9.66 9.05
C GLN A 402 16.55 11.10 8.76
N THR A 403 15.68 11.31 7.78
CA THR A 403 15.23 12.65 7.43
C THR A 403 14.42 13.26 8.55
N PHE A 404 13.58 12.46 9.22
CA PHE A 404 12.78 12.93 10.35
C PHE A 404 13.70 13.43 11.48
N ARG A 405 14.82 12.71 11.77
CA ARG A 405 15.79 13.12 12.80
C ARG A 405 16.35 14.50 12.46
N LYS A 406 16.74 14.68 11.19
CA LYS A 406 17.34 15.92 10.72
C LYS A 406 16.36 17.09 10.72
N ILE A 407 15.07 16.82 10.48
CA ILE A 407 14.06 17.87 10.53
C ILE A 407 13.80 18.28 12.00
N ILE A 408 13.80 17.30 12.91
CA ILE A 408 13.58 17.57 14.32
C ILE A 408 14.80 18.33 14.91
N ARG A 409 16.02 17.96 14.50
CA ARG A 409 17.27 18.65 14.89
C ARG A 409 17.21 20.12 14.40
N SER A 410 16.92 20.33 13.11
CA SER A 410 16.78 21.66 12.53
C SER A 410 15.49 22.33 13.04
C10 RVZ B . -16.78 8.14 8.25
C13 RVZ B . -20.38 9.82 11.55
C21 RVZ B . -21.32 8.90 17.03
C22 RVZ B . -22.65 8.68 17.23
C02 RVZ B . -22.23 7.87 11.70
C03 RVZ B . -21.15 7.69 10.85
C04 RVZ B . -21.06 6.39 10.05
C06 RVZ B . -20.21 8.70 10.75
C07 RVZ B . -19.00 8.52 9.85
C08 RVZ B . -17.73 8.83 10.32
C09 RVZ B . -16.62 8.67 9.51
C11 RVZ B . -18.03 7.81 7.78
C12 RVZ B . -19.14 8.01 8.57
C14 RVZ B . -19.38 10.99 11.48
C16 RVZ B . -21.48 9.93 12.38
C18 RVZ B . -22.79 11.34 14.76
C19 RVZ B . -22.42 10.25 15.77
N01 RVZ B . -23.20 6.80 11.73
N05 RVZ B . -20.96 5.46 9.44
N15 RVZ B . -18.65 11.84 11.43
N20 RVZ B . -21.19 9.88 16.16
N23 RVZ B . -23.30 9.50 16.45
N24 RVZ B . -22.39 8.97 12.41
S17 RVZ B . -21.64 11.45 13.35
C1 OLA C . -19.53 9.60 24.53
O1 OLA C . -20.37 8.67 24.71
O2 OLA C . -19.86 10.71 24.04
C2 OLA C . -18.08 9.38 24.92
C3 OLA C . -17.21 9.21 23.66
C4 OLA C . -15.74 8.97 24.01
C5 OLA C . -14.94 8.72 22.73
C6 OLA C . -13.44 8.75 22.99
C7 OLA C . -12.83 7.36 23.13
C8 OLA C . -11.68 7.36 24.14
C9 OLA C . -10.65 6.32 23.77
C10 OLA C . -9.46 6.70 23.31
C1 OLA D . 5.65 17.59 -1.67
O1 OLA D . 6.16 17.05 -0.67
O2 OLA D . 5.97 17.29 -2.85
C2 OLA D . 4.59 18.66 -1.46
C3 OLA D . 3.73 18.35 -0.24
C4 OLA D . 2.56 19.32 -0.13
C5 OLA D . 1.22 18.63 -0.32
C6 OLA D . 0.49 18.44 1.01
C7 OLA D . -0.35 19.66 1.39
C8 OLA D . -1.85 19.37 1.31
C9 OLA D . -2.59 20.07 2.42
C1 OLA E . -26.30 19.43 -6.79
O1 OLA E . -27.14 18.73 -6.18
O2 OLA E . -26.53 20.62 -7.07
C2 OLA E . -24.97 18.80 -7.19
C3 OLA E . -24.38 19.47 -8.43
C4 OLA E . -23.57 18.47 -9.25
C5 OLA E . -22.74 19.10 -10.35
C6 OLA E . -22.20 18.01 -11.27
C7 OLA E . -20.71 17.81 -11.11
C8 OLA E . -20.28 16.43 -11.59
C4 OLA F . -6.53 17.90 -6.78
C5 OLA F . -7.94 18.06 -6.24
C6 OLA F . -8.94 18.41 -7.34
C7 OLA F . -10.39 18.51 -6.84
C8 OLA F . -11.31 19.21 -7.88
C9 OLA F . -12.77 18.93 -7.61
C1 CLR G . -25.97 -9.26 8.16
C2 CLR G . -27.31 -9.22 8.90
C3 CLR G . -27.34 -10.12 10.12
C4 CLR G . -26.24 -9.72 11.08
C5 CLR G . -24.90 -9.61 10.38
C6 CLR G . -23.83 -10.13 11.02
C7 CLR G . -22.48 -10.31 10.35
C8 CLR G . -22.27 -9.24 9.28
C9 CLR G . -23.48 -9.22 8.30
C10 CLR G . -24.78 -8.88 9.04
C11 CLR G . -23.26 -8.33 7.04
C12 CLR G . -21.87 -8.55 6.42
C13 CLR G . -20.71 -8.48 7.44
C14 CLR G . -20.94 -9.52 8.54
C15 CLR G . -19.65 -9.61 9.34
C16 CLR G . -18.59 -9.36 8.26
C17 CLR G . -19.32 -8.93 6.97
C18 CLR G . -20.62 -7.05 7.99
C19 CLR G . -24.85 -7.40 9.38
C20 CLR G . -18.59 -8.01 5.97
C21 CLR G . -18.73 -8.61 4.57
C22 CLR G . -17.17 -7.58 6.42
C23 CLR G . -16.08 -7.47 5.34
C24 CLR G . -15.10 -8.65 5.39
C25 CLR G . -14.74 -9.15 4.01
C26 CLR G . -13.32 -9.68 3.99
C27 CLR G . -15.71 -10.21 3.47
O1 CLR G . -28.61 -9.95 10.77
NA NA H . -6.14 8.13 5.48
#